data_2CZD
#
_entry.id   2CZD
#
_cell.length_a   43.707
_cell.length_b   70.923
_cell.length_c   63.480
_cell.angle_alpha   90.00
_cell.angle_beta   102.48
_cell.angle_gamma   90.00
#
_symmetry.space_group_name_H-M   'P 1 21 1'
#
loop_
_entity.id
_entity.type
_entity.pdbx_description
1 polymer "Orotidine 5'-phosphate decarboxylase"
2 non-polymer 2,3-DIHYDROXY-1,4-DITHIOBUTANE
3 non-polymer GLYCEROL
4 water water
#
_entity_poly.entity_id   1
_entity_poly.type   'polypeptide(L)'
_entity_poly.pdbx_seq_one_letter_code
;MIVLALDVYEGERAIKIAKSVKDYISMIKVNWPLILGSGVDIIRRLKEETGVEIIADLKLADIPNTNRLIARKVFGAGAD
YVIVHTFVGRDSVMAVKELGEIIMVVEMSHPGALEFINPLTDRFIEVANEIEPFGVIAPGTRPERIGYIRDRLKEGIKIL
APGIGAQGGKAKDAVKAGADYIIVGRAIYNAPNPREAAKAIYDEIRGV
;
_entity_poly.pdbx_strand_id   A,B
#
# COMPACT_ATOMS: atom_id res chain seq x y z
N MET A 1 7.55 12.50 23.22
CA MET A 1 6.30 11.73 22.96
C MET A 1 6.60 10.46 22.19
N ILE A 2 6.12 9.33 22.70
CA ILE A 2 6.39 8.06 22.08
C ILE A 2 5.25 7.54 21.23
N VAL A 3 5.59 7.08 20.03
CA VAL A 3 4.60 6.44 19.18
C VAL A 3 4.98 4.95 19.22
N LEU A 4 4.08 4.10 19.72
CA LEU A 4 4.38 2.67 19.78
C LEU A 4 4.06 1.98 18.44
N ALA A 5 5.09 1.41 17.80
CA ALA A 5 4.89 0.64 16.57
C ALA A 5 4.45 -0.73 17.12
N LEU A 6 3.14 -0.95 17.18
CA LEU A 6 2.58 -2.16 17.79
C LEU A 6 2.57 -3.33 16.80
N ASP A 7 3.76 -3.82 16.51
CA ASP A 7 3.95 -4.87 15.52
C ASP A 7 3.88 -6.25 16.14
N VAL A 8 2.70 -6.48 16.73
CA VAL A 8 2.31 -7.71 17.42
C VAL A 8 1.06 -8.09 16.64
N TYR A 9 1.12 -9.21 15.94
CA TYR A 9 0.03 -9.55 15.03
C TYR A 9 -1.13 -10.38 15.50
N GLU A 10 -1.10 -10.75 16.78
CA GLU A 10 -2.21 -11.46 17.40
C GLU A 10 -2.92 -10.28 18.10
N GLY A 11 -4.10 -9.93 17.62
CA GLY A 11 -4.80 -8.76 18.12
C GLY A 11 -5.02 -8.62 19.60
N GLU A 12 -5.36 -9.71 20.27
CA GLU A 12 -5.61 -9.58 21.70
C GLU A 12 -4.30 -9.40 22.44
N ARG A 13 -3.21 -9.96 21.92
CA ARG A 13 -1.91 -9.76 22.57
C ARG A 13 -1.49 -8.31 22.34
N ALA A 14 -1.80 -7.80 21.15
CA ALA A 14 -1.49 -6.40 20.83
C ALA A 14 -2.24 -5.52 21.82
N ILE A 15 -3.53 -5.82 22.03
CA ILE A 15 -4.32 -5.03 22.98
C ILE A 15 -3.74 -5.10 24.39
N LYS A 16 -3.36 -6.31 24.83
CA LYS A 16 -2.80 -6.46 26.17
C LYS A 16 -1.55 -5.60 26.38
N ILE A 17 -0.66 -5.63 25.40
CA ILE A 17 0.57 -4.86 25.50
C ILE A 17 0.25 -3.36 25.45
N ALA A 18 -0.63 -2.98 24.54
CA ALA A 18 -1.00 -1.56 24.41
C ALA A 18 -1.59 -1.05 25.71
N LYS A 19 -2.49 -1.83 26.31
CA LYS A 19 -3.09 -1.38 27.56
C LYS A 19 -2.06 -1.19 28.67
N SER A 20 -1.08 -2.08 28.72
CA SER A 20 -0.09 -2.01 29.76
C SER A 20 0.83 -0.80 29.63
N VAL A 21 1.07 -0.34 28.41
CA VAL A 21 1.99 0.80 28.21
C VAL A 21 1.33 2.14 27.87
N LYS A 22 0.01 2.13 27.78
CA LYS A 22 -0.74 3.33 27.34
C LYS A 22 -0.43 4.64 28.02
N ASP A 23 -0.08 4.59 29.29
CA ASP A 23 0.14 5.83 30.01
C ASP A 23 1.50 6.46 29.78
N TYR A 24 2.33 5.82 28.94
CA TYR A 24 3.65 6.33 28.61
C TYR A 24 3.82 6.63 27.14
N ILE A 25 2.75 6.48 26.36
CA ILE A 25 2.80 6.73 24.93
C ILE A 25 1.76 7.73 24.46
N SER A 26 2.04 8.35 23.32
CA SER A 26 1.17 9.35 22.74
C SER A 26 0.27 8.79 21.67
N MET A 27 0.78 7.82 20.92
CA MET A 27 0.00 7.19 19.87
C MET A 27 0.41 5.75 19.70
N ILE A 28 -0.49 4.98 19.12
CA ILE A 28 -0.23 3.59 18.79
C ILE A 28 -0.26 3.54 17.26
N LYS A 29 0.77 2.96 16.66
CA LYS A 29 0.82 2.83 15.20
C LYS A 29 0.60 1.36 14.81
N VAL A 30 -0.38 1.10 13.94
CA VAL A 30 -0.69 -0.25 13.50
C VAL A 30 -0.43 -0.40 12.00
N ASN A 31 -0.08 -1.59 11.56
CA ASN A 31 0.21 -1.75 10.14
C ASN A 31 -0.70 -2.77 9.46
N TRP A 32 -0.47 -3.02 8.18
CA TRP A 32 -1.34 -3.96 7.47
C TRP A 32 -1.40 -5.36 8.08
N PRO A 33 -0.25 -5.95 8.45
CA PRO A 33 -0.30 -7.29 9.04
C PRO A 33 -1.25 -7.38 10.24
N LEU A 34 -1.23 -6.39 11.13
CA LEU A 34 -2.15 -6.44 12.27
C LEU A 34 -3.59 -6.32 11.80
N ILE A 35 -3.84 -5.39 10.88
CA ILE A 35 -5.18 -5.23 10.34
C ILE A 35 -5.65 -6.52 9.64
N LEU A 36 -4.76 -7.19 8.92
CA LEU A 36 -5.14 -8.43 8.24
C LEU A 36 -5.41 -9.57 9.20
N GLY A 37 -4.65 -9.60 10.30
CA GLY A 37 -4.85 -10.67 11.27
C GLY A 37 -6.07 -10.55 12.17
N SER A 38 -6.36 -9.35 12.62
CA SER A 38 -7.48 -9.15 13.52
C SER A 38 -8.68 -8.44 12.94
N GLY A 39 -8.53 -7.93 11.72
CA GLY A 39 -9.60 -7.16 11.10
C GLY A 39 -9.40 -5.69 11.44
N VAL A 40 -9.90 -4.81 10.57
CA VAL A 40 -9.74 -3.37 10.76
C VAL A 40 -10.40 -2.86 12.06
N ASP A 41 -11.34 -3.63 12.60
CA ASP A 41 -11.98 -3.22 13.86
C ASP A 41 -10.98 -3.17 15.02
N ILE A 42 -9.81 -3.78 14.85
CA ILE A 42 -8.81 -3.74 15.90
C ILE A 42 -8.44 -2.30 16.23
N ILE A 43 -8.61 -1.39 15.26
CA ILE A 43 -8.29 0.02 15.50
C ILE A 43 -9.23 0.61 16.54
N ARG A 44 -10.53 0.36 16.36
CA ARG A 44 -11.54 0.86 17.29
C ARG A 44 -11.28 0.30 18.69
N ARG A 45 -10.99 -0.99 18.75
CA ARG A 45 -10.76 -1.62 20.04
C ARG A 45 -9.52 -1.08 20.74
N LEU A 46 -8.43 -0.87 20.01
CA LEU A 46 -7.23 -0.33 20.63
C LEU A 46 -7.52 1.04 21.24
N LYS A 47 -8.26 1.86 20.50
CA LYS A 47 -8.60 3.20 20.99
C LYS A 47 -9.46 3.13 22.26
N GLU A 48 -10.46 2.26 22.24
CA GLU A 48 -11.34 2.10 23.39
C GLU A 48 -10.60 1.61 24.64
N GLU A 49 -9.70 0.65 24.44
CA GLU A 49 -8.94 0.09 25.55
C GLU A 49 -7.83 0.96 26.10
N THR A 50 -7.30 1.86 25.28
CA THR A 50 -6.18 2.69 25.73
C THR A 50 -6.41 4.18 25.86
N GLY A 51 -7.39 4.69 25.11
CA GLY A 51 -7.69 6.12 25.11
C GLY A 51 -6.65 6.93 24.36
N VAL A 52 -5.80 6.22 23.62
CA VAL A 52 -4.70 6.80 22.87
C VAL A 52 -4.98 6.83 21.38
N GLU A 53 -4.51 7.89 20.72
CA GLU A 53 -4.68 8.06 19.28
C GLU A 53 -4.02 6.94 18.46
N ILE A 54 -4.62 6.64 17.32
CA ILE A 54 -4.13 5.57 16.46
C ILE A 54 -3.64 6.05 15.09
N ILE A 55 -2.45 5.61 14.70
CA ILE A 55 -1.91 5.90 13.39
C ILE A 55 -2.00 4.61 12.59
N ALA A 56 -2.62 4.65 11.42
CA ALA A 56 -2.67 3.50 10.54
C ALA A 56 -1.49 3.64 9.55
N ASP A 57 -0.43 2.86 9.73
CA ASP A 57 0.78 2.90 8.89
C ASP A 57 0.53 2.04 7.66
N LEU A 58 -0.20 2.62 6.71
CA LEU A 58 -0.56 1.87 5.52
C LEU A 58 0.31 2.20 4.33
N LYS A 59 0.96 3.37 4.37
CA LYS A 59 1.80 3.85 3.26
C LYS A 59 1.01 3.75 1.95
N LEU A 60 -0.19 4.35 1.94
CA LEU A 60 -1.04 4.29 0.76
C LEU A 60 -0.32 4.81 -0.48
N ALA A 61 -0.48 4.08 -1.58
CA ALA A 61 0.21 4.45 -2.81
C ALA A 61 -0.62 4.04 -4.00
N ASP A 62 -1.91 4.29 -3.94
CA ASP A 62 -2.79 3.91 -5.03
C ASP A 62 -3.37 5.15 -5.73
N ILE A 63 -4.22 4.93 -6.74
CA ILE A 63 -4.86 6.05 -7.42
C ILE A 63 -5.78 6.77 -6.40
N PRO A 64 -6.13 8.04 -6.66
CA PRO A 64 -6.98 8.76 -5.71
C PRO A 64 -8.22 8.03 -5.19
N ASN A 65 -9.03 7.45 -6.07
CA ASN A 65 -10.23 6.82 -5.55
C ASN A 65 -9.98 5.61 -4.65
N THR A 66 -8.95 4.83 -4.97
CA THR A 66 -8.71 3.65 -4.15
C THR A 66 -8.14 4.15 -2.82
N ASN A 67 -7.26 5.14 -2.85
CA ASN A 67 -6.73 5.70 -1.62
C ASN A 67 -7.91 6.20 -0.75
N ARG A 68 -8.87 6.84 -1.40
CA ARG A 68 -10.04 7.39 -0.74
C ARG A 68 -10.90 6.30 -0.12
N LEU A 69 -11.15 5.22 -0.85
CA LEU A 69 -11.96 4.11 -0.31
C LEU A 69 -11.30 3.51 0.93
N ILE A 70 -9.99 3.31 0.84
CA ILE A 70 -9.28 2.74 1.96
C ILE A 70 -9.32 3.70 3.15
N ALA A 71 -9.06 4.99 2.88
CA ALA A 71 -9.04 5.98 3.94
C ALA A 71 -10.40 6.07 4.63
N ARG A 72 -11.47 6.08 3.85
CA ARG A 72 -12.82 6.17 4.42
C ARG A 72 -13.05 5.04 5.42
N LYS A 73 -12.69 3.83 5.02
CA LYS A 73 -12.88 2.66 5.85
C LYS A 73 -12.00 2.67 7.12
N VAL A 74 -10.73 3.07 6.95
CA VAL A 74 -9.78 3.09 8.05
C VAL A 74 -10.03 4.24 9.05
N PHE A 75 -10.27 5.44 8.55
CA PHE A 75 -10.64 6.52 9.46
C PHE A 75 -11.99 6.12 10.11
N GLY A 76 -12.88 5.54 9.30
CA GLY A 76 -14.18 5.10 9.81
C GLY A 76 -14.07 4.09 10.94
N ALA A 77 -13.01 3.29 10.94
CA ALA A 77 -12.79 2.28 11.98
C ALA A 77 -12.15 2.91 13.20
N GLY A 78 -11.85 4.21 13.14
CA GLY A 78 -11.26 4.87 14.28
C GLY A 78 -9.86 5.42 14.16
N ALA A 79 -9.21 5.26 13.02
CA ALA A 79 -7.86 5.81 12.91
C ALA A 79 -7.88 7.34 13.04
N ASP A 80 -6.88 7.89 13.71
CA ASP A 80 -6.75 9.33 13.84
C ASP A 80 -5.83 9.89 12.76
N TYR A 81 -4.90 9.07 12.26
CA TYR A 81 -3.98 9.48 11.20
C TYR A 81 -3.71 8.30 10.28
N VAL A 82 -3.44 8.62 9.01
CA VAL A 82 -3.08 7.59 8.04
C VAL A 82 -1.76 7.99 7.39
N ILE A 83 -0.83 7.06 7.30
CA ILE A 83 0.46 7.33 6.65
C ILE A 83 0.32 7.06 5.17
N VAL A 84 0.71 8.03 4.35
CA VAL A 84 0.61 7.93 2.91
C VAL A 84 1.93 8.25 2.23
N HIS A 85 2.17 7.65 1.07
CA HIS A 85 3.35 7.98 0.28
C HIS A 85 3.15 9.28 -0.48
N THR A 86 4.25 9.96 -0.71
CA THR A 86 4.24 11.19 -1.47
C THR A 86 4.45 10.88 -2.94
N PHE A 87 5.18 9.80 -3.24
CA PHE A 87 5.55 9.54 -4.64
C PHE A 87 4.45 9.33 -5.65
N VAL A 88 3.28 8.92 -5.19
CA VAL A 88 2.18 8.69 -6.12
C VAL A 88 1.50 9.98 -6.58
N GLY A 89 1.87 11.11 -5.99
CA GLY A 89 1.31 12.37 -6.45
C GLY A 89 0.39 13.08 -5.48
N ARG A 90 0.22 14.37 -5.70
CA ARG A 90 -0.59 15.22 -4.84
C ARG A 90 -2.05 14.79 -4.76
N ASP A 91 -2.64 14.49 -5.91
CA ASP A 91 -4.05 14.08 -5.88
C ASP A 91 -4.31 12.84 -5.00
N SER A 92 -3.42 11.86 -5.05
CA SER A 92 -3.60 10.66 -4.23
C SER A 92 -3.43 10.99 -2.73
N VAL A 93 -2.56 11.94 -2.42
CA VAL A 93 -2.37 12.37 -1.03
C VAL A 93 -3.60 13.13 -0.55
N MET A 94 -4.08 14.09 -1.36
CA MET A 94 -5.25 14.88 -0.98
C MET A 94 -6.51 14.05 -0.82
N ALA A 95 -6.63 12.97 -1.58
CA ALA A 95 -7.81 12.10 -1.49
C ALA A 95 -7.94 11.55 -0.08
N VAL A 96 -6.80 11.35 0.58
CA VAL A 96 -6.81 10.85 1.94
C VAL A 96 -6.97 12.01 2.93
N LYS A 97 -6.22 13.10 2.71
CA LYS A 97 -6.28 14.25 3.61
C LYS A 97 -7.69 14.83 3.77
N GLU A 98 -8.50 14.73 2.72
CA GLU A 98 -9.87 15.25 2.77
C GLU A 98 -10.74 14.51 3.80
N LEU A 99 -10.34 13.29 4.16
CA LEU A 99 -11.10 12.47 5.09
C LEU A 99 -10.54 12.42 6.51
N GLY A 100 -9.29 12.83 6.67
CA GLY A 100 -8.70 12.80 7.99
C GLY A 100 -7.24 13.21 7.96
N GLU A 101 -6.61 13.24 9.12
CA GLU A 101 -5.22 13.69 9.17
C GLU A 101 -4.24 12.68 8.62
N ILE A 102 -3.22 13.22 7.95
CA ILE A 102 -2.22 12.37 7.33
C ILE A 102 -0.77 12.63 7.73
N ILE A 103 0.05 11.61 7.54
CA ILE A 103 1.49 11.70 7.80
C ILE A 103 2.11 11.25 6.47
N MET A 104 3.05 12.02 5.93
CA MET A 104 3.64 11.68 4.64
C MET A 104 5.02 11.06 4.70
N VAL A 105 5.27 10.13 3.78
CA VAL A 105 6.58 9.48 3.70
C VAL A 105 7.42 10.28 2.70
N VAL A 106 8.55 10.81 3.18
CA VAL A 106 9.43 11.58 2.31
C VAL A 106 10.81 10.94 2.14
N GLU A 107 11.13 9.97 3.00
CA GLU A 107 12.44 9.31 2.98
C GLU A 107 12.30 7.94 3.66
N MET A 108 13.07 6.95 3.22
CA MET A 108 13.01 5.64 3.87
C MET A 108 14.43 5.20 4.23
N SER A 109 14.57 4.12 4.99
CA SER A 109 15.90 3.75 5.42
C SER A 109 16.45 2.38 5.04
N HIS A 110 15.66 1.60 4.32
CA HIS A 110 16.15 0.30 3.86
C HIS A 110 17.02 0.57 2.63
N PRO A 111 17.92 -0.36 2.28
CA PRO A 111 18.81 -0.17 1.14
C PRO A 111 18.09 0.23 -0.15
N GLY A 112 16.97 -0.42 -0.41
CA GLY A 112 16.22 -0.12 -1.61
C GLY A 112 15.76 1.33 -1.74
N ALA A 113 15.66 2.04 -0.62
CA ALA A 113 15.22 3.45 -0.64
C ALA A 113 16.22 4.35 -1.39
N LEU A 114 17.46 3.88 -1.53
CA LEU A 114 18.46 4.69 -2.25
C LEU A 114 18.24 4.72 -3.76
N GLU A 115 17.43 3.78 -4.26
CA GLU A 115 17.21 3.70 -5.70
C GLU A 115 16.39 4.84 -6.29
N PHE A 116 15.22 5.11 -5.69
CA PHE A 116 14.33 6.12 -6.21
C PHE A 116 13.74 7.08 -5.18
N ILE A 117 13.42 6.58 -3.99
CA ILE A 117 12.81 7.43 -2.99
C ILE A 117 13.73 8.50 -2.43
N ASN A 118 14.86 8.08 -1.88
CA ASN A 118 15.72 9.07 -1.25
C ASN A 118 16.26 10.16 -2.16
N PRO A 119 16.52 9.86 -3.44
CA PRO A 119 17.01 10.92 -4.33
C PRO A 119 15.95 12.02 -4.48
N LEU A 120 14.71 11.70 -4.15
CA LEU A 120 13.62 12.66 -4.28
C LEU A 120 13.18 13.27 -2.95
N THR A 121 13.87 12.92 -1.86
CA THR A 121 13.47 13.45 -0.55
C THR A 121 13.32 14.97 -0.52
N ASP A 122 14.27 15.72 -1.08
CA ASP A 122 14.11 17.17 -1.03
C ASP A 122 12.82 17.61 -1.73
N ARG A 123 12.52 17.01 -2.87
CA ARG A 123 11.29 17.36 -3.57
C ARG A 123 10.04 16.92 -2.81
N PHE A 124 10.09 15.76 -2.17
CA PHE A 124 8.94 15.29 -1.40
C PHE A 124 8.67 16.21 -0.22
N ILE A 125 9.75 16.74 0.38
CA ILE A 125 9.59 17.65 1.49
C ILE A 125 8.87 18.88 0.96
N GLU A 126 9.22 19.34 -0.24
CA GLU A 126 8.52 20.51 -0.79
C GLU A 126 7.06 20.24 -1.04
N VAL A 127 6.72 19.02 -1.44
CA VAL A 127 5.32 18.70 -1.66
C VAL A 127 4.61 18.70 -0.30
N ALA A 128 5.28 18.13 0.72
CA ALA A 128 4.69 18.13 2.05
C ALA A 128 4.46 19.57 2.55
N ASN A 129 5.41 20.46 2.26
CA ASN A 129 5.28 21.85 2.67
C ASN A 129 4.04 22.50 2.08
N GLU A 130 3.71 22.15 0.84
CA GLU A 130 2.54 22.74 0.22
C GLU A 130 1.24 22.11 0.73
N ILE A 131 1.27 20.80 0.96
CA ILE A 131 0.06 20.12 1.43
C ILE A 131 -0.27 20.38 2.90
N GLU A 132 0.76 20.52 3.73
CA GLU A 132 0.62 20.77 5.17
C GLU A 132 -0.07 19.63 5.91
N PRO A 133 0.53 18.44 5.82
CA PRO A 133 -0.03 17.26 6.51
C PRO A 133 0.25 17.48 7.99
N PHE A 134 -0.33 16.61 8.83
CA PHE A 134 -0.07 16.70 10.26
C PHE A 134 1.43 16.49 10.52
N GLY A 135 2.03 15.56 9.79
CA GLY A 135 3.44 15.32 9.99
C GLY A 135 4.08 14.54 8.85
N VAL A 136 5.39 14.33 8.98
CA VAL A 136 6.15 13.51 8.05
C VAL A 136 7.01 12.59 8.90
N ILE A 137 7.47 11.50 8.29
CA ILE A 137 8.35 10.58 8.99
C ILE A 137 9.81 10.94 8.67
N ALA A 138 10.66 11.02 9.69
CA ALA A 138 12.06 11.30 9.43
C ALA A 138 12.85 10.10 9.94
N PRO A 139 13.33 9.25 9.02
CA PRO A 139 14.10 8.07 9.41
C PRO A 139 15.26 8.52 10.29
N GLY A 140 15.40 7.91 11.46
CA GLY A 140 16.46 8.26 12.39
C GLY A 140 17.67 7.35 12.41
N THR A 141 17.73 6.34 11.53
CA THR A 141 18.89 5.45 11.49
C THR A 141 20.12 6.36 11.48
N ARG A 142 20.10 7.34 10.58
CA ARG A 142 21.15 8.35 10.49
C ARG A 142 20.50 9.51 11.25
N PRO A 143 20.81 9.67 12.54
CA PRO A 143 20.24 10.73 13.38
C PRO A 143 20.28 12.15 12.82
N GLU A 144 21.24 12.43 11.94
CA GLU A 144 21.36 13.77 11.36
C GLU A 144 20.24 14.09 10.37
N ARG A 145 19.50 13.07 9.93
CA ARG A 145 18.42 13.32 9.00
C ARG A 145 17.24 14.03 9.66
N ILE A 146 17.09 13.86 10.97
CA ILE A 146 16.01 14.53 11.65
C ILE A 146 16.18 16.05 11.53
N GLY A 147 17.38 16.54 11.84
CA GLY A 147 17.64 17.96 11.74
C GLY A 147 17.60 18.45 10.31
N TYR A 148 18.10 17.64 9.40
CA TYR A 148 18.10 17.98 7.97
C TYR A 148 16.68 18.21 7.49
N ILE A 149 15.79 17.29 7.83
CA ILE A 149 14.39 17.43 7.42
C ILE A 149 13.70 18.59 8.15
N ARG A 150 13.93 18.72 9.46
CA ARG A 150 13.31 19.79 10.26
C ARG A 150 13.61 21.17 9.66
N ASP A 151 14.87 21.38 9.29
CA ASP A 151 15.26 22.66 8.71
C ASP A 151 14.53 22.98 7.40
N ARG A 152 14.21 21.94 6.61
CA ARG A 152 13.55 22.16 5.34
C ARG A 152 12.03 22.02 5.37
N LEU A 153 11.51 21.58 6.51
CA LEU A 153 10.08 21.34 6.66
C LEU A 153 9.33 22.55 7.23
N LYS A 154 8.18 22.86 6.64
CA LYS A 154 7.38 24.00 7.09
C LYS A 154 7.08 23.94 8.58
N GLU A 155 7.22 25.07 9.24
CA GLU A 155 6.93 25.13 10.66
C GLU A 155 5.45 24.79 10.79
N GLY A 156 5.12 23.97 11.79
CA GLY A 156 3.75 23.57 11.99
C GLY A 156 3.57 22.11 11.66
N ILE A 157 4.39 21.59 10.74
CA ILE A 157 4.30 20.16 10.41
C ILE A 157 5.18 19.40 11.39
N LYS A 158 4.66 18.32 11.96
CA LYS A 158 5.41 17.53 12.93
C LYS A 158 6.29 16.48 12.29
N ILE A 159 7.28 16.04 13.07
CA ILE A 159 8.17 14.99 12.62
C ILE A 159 8.08 13.78 13.55
N LEU A 160 7.92 12.58 12.97
CA LEU A 160 7.90 11.33 13.73
C LEU A 160 9.16 10.60 13.29
N ALA A 161 9.98 10.21 14.25
CA ALA A 161 11.26 9.57 13.96
C ALA A 161 11.42 8.17 14.50
N PRO A 162 11.55 7.19 13.60
CA PRO A 162 11.74 5.78 13.97
C PRO A 162 13.23 5.49 13.84
N GLY A 163 13.65 4.32 14.31
CA GLY A 163 15.05 3.94 14.16
C GLY A 163 16.14 4.58 15.01
N ILE A 164 15.74 5.20 16.12
CA ILE A 164 16.69 5.85 17.02
C ILE A 164 17.42 4.78 17.83
N GLY A 165 18.73 4.94 18.00
CA GLY A 165 19.52 3.97 18.76
C GLY A 165 19.11 3.81 20.22
N ALA A 166 19.44 2.66 20.79
CA ALA A 166 19.12 2.37 22.19
C ALA A 166 20.14 2.95 23.16
N GLN A 167 21.16 3.58 22.62
CA GLN A 167 22.20 4.19 23.45
C GLN A 167 21.66 5.44 24.16
N GLY A 168 22.00 5.56 25.44
CA GLY A 168 21.54 6.68 26.24
C GLY A 168 21.73 8.05 25.65
N GLY A 169 20.68 8.85 25.70
CA GLY A 169 20.73 10.21 25.19
C GLY A 169 20.33 10.36 23.72
N LYS A 170 20.39 9.26 22.97
CA LYS A 170 20.05 9.31 21.55
C LYS A 170 18.62 9.73 21.28
N ALA A 171 17.66 9.14 22.00
CA ALA A 171 16.26 9.49 21.80
C ALA A 171 16.08 10.95 22.18
N LYS A 172 16.72 11.35 23.27
CA LYS A 172 16.62 12.73 23.73
C LYS A 172 17.19 13.67 22.68
N ASP A 173 18.33 13.30 22.10
CA ASP A 173 18.96 14.14 21.07
C ASP A 173 18.04 14.30 19.87
N ALA A 174 17.39 13.22 19.50
CA ALA A 174 16.49 13.25 18.35
C ALA A 174 15.33 14.21 18.59
N VAL A 175 14.76 14.17 19.79
CA VAL A 175 13.67 15.09 20.11
C VAL A 175 14.16 16.54 20.05
N LYS A 176 15.28 16.81 20.69
CA LYS A 176 15.84 18.16 20.71
C LYS A 176 16.27 18.65 19.33
N ALA A 177 16.61 17.70 18.45
CA ALA A 177 17.01 18.00 17.07
C ALA A 177 15.80 18.29 16.17
N GLY A 178 14.58 18.01 16.63
CA GLY A 178 13.43 18.28 15.77
C GLY A 178 12.35 17.20 15.69
N ALA A 179 12.58 16.07 16.34
CA ALA A 179 11.57 15.01 16.31
C ALA A 179 10.51 15.27 17.38
N ASP A 180 9.26 15.44 16.96
CA ASP A 180 8.18 15.66 17.91
C ASP A 180 7.80 14.34 18.57
N TYR A 181 7.94 13.27 17.81
CA TYR A 181 7.62 11.93 18.28
C TYR A 181 8.72 10.96 17.94
N ILE A 182 8.95 10.02 18.85
CA ILE A 182 9.93 8.97 18.63
C ILE A 182 9.12 7.68 18.45
N ILE A 183 9.31 7.00 17.31
CA ILE A 183 8.60 5.75 17.05
C ILE A 183 9.45 4.62 17.61
N VAL A 184 8.83 3.84 18.51
CA VAL A 184 9.49 2.73 19.18
C VAL A 184 8.71 1.44 18.97
N GLY A 185 9.45 0.37 18.63
CA GLY A 185 8.85 -0.93 18.41
C GLY A 185 9.22 -2.00 19.44
N ARG A 186 10.07 -2.93 18.99
CA ARG A 186 10.53 -4.08 19.76
C ARG A 186 11.05 -3.78 21.14
N ALA A 187 11.74 -2.64 21.29
CA ALA A 187 12.28 -2.26 22.59
C ALA A 187 11.18 -2.21 23.63
N ILE A 188 9.95 -1.94 23.20
CA ILE A 188 8.85 -1.96 24.15
C ILE A 188 8.04 -3.26 24.05
N TYR A 189 7.55 -3.59 22.86
CA TYR A 189 6.67 -4.76 22.79
C TYR A 189 7.28 -6.13 23.02
N ASN A 190 8.60 -6.24 22.88
CA ASN A 190 9.27 -7.52 23.13
C ASN A 190 10.01 -7.46 24.47
N ALA A 191 9.81 -6.40 25.23
CA ALA A 191 10.47 -6.31 26.52
C ALA A 191 9.85 -7.28 27.54
N PRO A 192 10.65 -7.75 28.50
CA PRO A 192 10.09 -8.66 29.52
C PRO A 192 8.87 -7.99 30.19
N ASN A 193 8.99 -6.70 30.50
CA ASN A 193 7.90 -5.90 31.07
C ASN A 193 7.73 -4.67 30.16
N PRO A 194 6.81 -4.75 29.18
CA PRO A 194 6.63 -3.59 28.29
C PRO A 194 6.38 -2.26 28.98
N ARG A 195 5.61 -2.27 30.06
CA ARG A 195 5.33 -1.01 30.77
C ARG A 195 6.61 -0.38 31.29
N GLU A 196 7.44 -1.17 31.95
CA GLU A 196 8.69 -0.63 32.47
C GLU A 196 9.61 -0.17 31.34
N ALA A 197 9.57 -0.88 30.22
CA ALA A 197 10.40 -0.48 29.09
C ALA A 197 9.94 0.87 28.56
N ALA A 198 8.62 1.03 28.43
CA ALA A 198 8.07 2.29 27.94
C ALA A 198 8.39 3.43 28.88
N LYS A 199 8.25 3.18 30.19
CA LYS A 199 8.56 4.21 31.16
C LYS A 199 10.04 4.60 31.06
N ALA A 200 10.91 3.60 30.88
CA ALA A 200 12.35 3.88 30.78
C ALA A 200 12.65 4.82 29.62
N ILE A 201 12.04 4.55 28.48
CA ILE A 201 12.27 5.39 27.30
C ILE A 201 11.68 6.79 27.49
N TYR A 202 10.48 6.83 28.05
CA TYR A 202 9.79 8.08 28.35
C TYR A 202 10.69 8.94 29.25
N ASP A 203 11.24 8.34 30.30
CA ASP A 203 12.09 9.09 31.22
C ASP A 203 13.39 9.57 30.56
N GLU A 204 13.94 8.77 29.62
CA GLU A 204 15.16 9.22 28.94
C GLU A 204 14.90 10.41 28.03
N ILE A 205 13.75 10.41 27.35
CA ILE A 205 13.39 11.49 26.44
C ILE A 205 13.14 12.80 27.16
N ARG A 206 12.54 12.72 28.34
CA ARG A 206 12.25 13.90 29.15
C ARG A 206 13.42 14.28 30.06
N MET B 1 -7.54 -12.41 -22.93
CA MET B 1 -7.87 -12.89 -21.56
C MET B 1 -8.29 -11.71 -20.69
N ILE B 2 -9.37 -11.92 -19.96
CA ILE B 2 -9.92 -10.87 -19.13
C ILE B 2 -9.63 -11.05 -17.64
N VAL B 3 -9.22 -9.96 -17.00
CA VAL B 3 -9.00 -9.95 -15.56
C VAL B 3 -10.15 -9.12 -15.02
N LEU B 4 -11.00 -9.74 -14.20
CA LEU B 4 -12.15 -9.03 -13.64
C LEU B 4 -11.76 -8.32 -12.35
N ALA B 5 -11.85 -6.99 -12.36
CA ALA B 5 -11.58 -6.17 -11.16
C ALA B 5 -12.90 -6.28 -10.39
N LEU B 6 -12.92 -7.22 -9.43
CA LEU B 6 -14.11 -7.54 -8.67
C LEU B 6 -14.32 -6.58 -7.50
N ASP B 7 -14.64 -5.35 -7.88
CA ASP B 7 -14.81 -4.29 -6.90
C ASP B 7 -16.26 -4.19 -6.44
N VAL B 8 -16.74 -5.31 -5.90
CA VAL B 8 -18.10 -5.46 -5.40
C VAL B 8 -17.85 -5.72 -3.92
N TYR B 9 -18.06 -4.69 -3.12
CA TYR B 9 -17.75 -4.77 -1.70
C TYR B 9 -18.81 -5.42 -0.82
N GLU B 10 -19.55 -6.33 -1.43
CA GLU B 10 -20.55 -7.11 -0.75
C GLU B 10 -20.13 -8.55 -1.02
N GLY B 11 -19.41 -9.12 -0.07
CA GLY B 11 -18.90 -10.48 -0.20
C GLY B 11 -19.73 -11.51 -0.94
N GLU B 12 -20.96 -11.74 -0.47
CA GLU B 12 -21.82 -12.72 -1.10
C GLU B 12 -22.09 -12.41 -2.58
N ARG B 13 -22.35 -11.13 -2.88
CA ARG B 13 -22.63 -10.75 -4.25
C ARG B 13 -21.39 -10.91 -5.12
N ALA B 14 -20.23 -10.51 -4.59
CA ALA B 14 -18.99 -10.64 -5.34
C ALA B 14 -18.73 -12.08 -5.77
N ILE B 15 -18.95 -13.02 -4.85
CA ILE B 15 -18.73 -14.43 -5.13
C ILE B 15 -19.71 -14.93 -6.20
N LYS B 16 -20.96 -14.49 -6.10
CA LYS B 16 -21.98 -14.89 -7.07
C LYS B 16 -21.63 -14.39 -8.46
N ILE B 17 -21.18 -13.14 -8.55
CA ILE B 17 -20.81 -12.57 -9.84
C ILE B 17 -19.59 -13.29 -10.42
N ALA B 18 -18.58 -13.55 -9.59
CA ALA B 18 -17.40 -14.24 -10.09
C ALA B 18 -17.73 -15.62 -10.62
N LYS B 19 -18.60 -16.35 -9.92
CA LYS B 19 -18.98 -17.68 -10.36
C LYS B 19 -19.72 -17.63 -11.68
N SER B 20 -20.55 -16.61 -11.85
CA SER B 20 -21.33 -16.48 -13.08
C SER B 20 -20.51 -16.15 -14.32
N VAL B 21 -19.43 -15.41 -14.14
CA VAL B 21 -18.62 -15.04 -15.30
C VAL B 21 -17.36 -15.88 -15.49
N LYS B 22 -17.13 -16.84 -14.58
CA LYS B 22 -15.94 -17.69 -14.64
C LYS B 22 -15.56 -18.19 -16.03
N ASP B 23 -16.55 -18.60 -16.83
CA ASP B 23 -16.28 -19.13 -18.16
C ASP B 23 -15.55 -18.16 -19.10
N TYR B 24 -15.73 -16.86 -18.86
CA TYR B 24 -15.12 -15.89 -19.74
C TYR B 24 -14.02 -15.02 -19.16
N ILE B 25 -13.47 -15.38 -18.00
CA ILE B 25 -12.39 -14.59 -17.40
C ILE B 25 -11.22 -15.50 -17.03
N SER B 26 -10.03 -14.93 -16.98
CA SER B 26 -8.83 -15.68 -16.64
C SER B 26 -8.36 -15.48 -15.20
N MET B 27 -8.70 -14.33 -14.63
CA MET B 27 -8.33 -14.03 -13.25
C MET B 27 -9.30 -13.06 -12.62
N ILE B 28 -9.32 -13.04 -11.29
CA ILE B 28 -10.14 -12.12 -10.52
C ILE B 28 -9.12 -11.27 -9.78
N LYS B 29 -9.32 -9.96 -9.82
CA LYS B 29 -8.43 -9.04 -9.11
C LYS B 29 -9.19 -8.42 -7.93
N VAL B 30 -8.59 -8.49 -6.74
CA VAL B 30 -9.21 -7.93 -5.55
C VAL B 30 -8.34 -6.80 -5.02
N ASN B 31 -8.95 -5.85 -4.31
CA ASN B 31 -8.18 -4.73 -3.79
C ASN B 31 -8.28 -4.59 -2.26
N TRP B 32 -7.60 -3.59 -1.69
CA TRP B 32 -7.67 -3.42 -0.25
C TRP B 32 -9.11 -3.18 0.27
N PRO B 33 -9.90 -2.35 -0.42
CA PRO B 33 -11.27 -2.13 0.08
C PRO B 33 -12.06 -3.42 0.30
N LEU B 34 -11.97 -4.37 -0.64
CA LEU B 34 -12.68 -5.63 -0.48
C LEU B 34 -12.11 -6.42 0.69
N ILE B 35 -10.78 -6.48 0.81
CA ILE B 35 -10.15 -7.20 1.91
C ILE B 35 -10.53 -6.57 3.27
N LEU B 36 -10.58 -5.25 3.30
CA LEU B 36 -10.93 -4.54 4.53
C LEU B 36 -12.39 -4.81 4.93
N GLY B 37 -13.26 -4.84 3.94
CA GLY B 37 -14.67 -5.03 4.22
C GLY B 37 -15.09 -6.45 4.51
N SER B 38 -14.47 -7.42 3.83
CA SER B 38 -14.82 -8.83 4.00
C SER B 38 -13.79 -9.71 4.71
N GLY B 39 -12.62 -9.15 5.04
CA GLY B 39 -11.57 -9.94 5.66
C GLY B 39 -10.72 -10.56 4.56
N VAL B 40 -9.46 -10.83 4.86
CA VAL B 40 -8.57 -11.44 3.87
C VAL B 40 -9.10 -12.81 3.42
N ASP B 41 -9.91 -13.46 4.26
CA ASP B 41 -10.45 -14.76 3.87
C ASP B 41 -11.38 -14.72 2.66
N ILE B 42 -11.76 -13.52 2.22
CA ILE B 42 -12.61 -13.42 1.02
C ILE B 42 -11.78 -14.01 -0.12
N ILE B 43 -10.46 -13.92 -0.01
CA ILE B 43 -9.61 -14.47 -1.05
C ILE B 43 -9.73 -16.01 -1.09
N ARG B 44 -9.73 -16.64 0.08
CA ARG B 44 -9.83 -18.09 0.11
C ARG B 44 -11.22 -18.52 -0.30
N ARG B 45 -12.23 -17.76 0.11
CA ARG B 45 -13.60 -18.09 -0.26
C ARG B 45 -13.71 -18.07 -1.78
N LEU B 46 -13.18 -17.01 -2.39
CA LEU B 46 -13.21 -16.89 -3.85
C LEU B 46 -12.44 -18.04 -4.50
N LYS B 47 -11.27 -18.38 -3.97
CA LYS B 47 -10.49 -19.47 -4.55
C LYS B 47 -11.26 -20.79 -4.47
N GLU B 48 -11.87 -21.06 -3.32
CA GLU B 48 -12.59 -22.31 -3.14
C GLU B 48 -13.87 -22.37 -3.97
N GLU B 49 -14.56 -21.23 -4.06
CA GLU B 49 -15.82 -21.15 -4.80
C GLU B 49 -15.72 -21.11 -6.33
N THR B 50 -14.66 -20.52 -6.86
CA THR B 50 -14.52 -20.36 -8.31
C THR B 50 -13.36 -21.09 -8.99
N GLY B 51 -12.30 -21.39 -8.26
CA GLY B 51 -11.16 -22.07 -8.86
C GLY B 51 -10.45 -21.17 -9.88
N VAL B 52 -10.78 -19.87 -9.84
CA VAL B 52 -10.17 -18.90 -10.76
C VAL B 52 -8.96 -18.25 -10.06
N GLU B 53 -7.90 -18.00 -10.82
CA GLU B 53 -6.69 -17.40 -10.24
C GLU B 53 -6.99 -16.01 -9.70
N ILE B 54 -6.31 -15.63 -8.63
CA ILE B 54 -6.53 -14.34 -7.98
C ILE B 54 -5.33 -13.42 -7.94
N ILE B 55 -5.56 -12.18 -8.34
CA ILE B 55 -4.54 -11.14 -8.25
C ILE B 55 -4.92 -10.23 -7.09
N ALA B 56 -4.00 -10.01 -6.15
CA ALA B 56 -4.26 -9.09 -5.04
C ALA B 56 -3.60 -7.77 -5.43
N ASP B 57 -4.43 -6.80 -5.81
CA ASP B 57 -4.00 -5.49 -6.26
C ASP B 57 -3.75 -4.64 -5.02
N LEU B 58 -2.62 -4.92 -4.37
CA LEU B 58 -2.28 -4.19 -3.15
C LEU B 58 -1.34 -3.01 -3.37
N LYS B 59 -0.58 -3.04 -4.47
CA LYS B 59 0.42 -2.01 -4.79
C LYS B 59 1.30 -1.81 -3.56
N LEU B 60 1.85 -2.92 -3.08
CA LEU B 60 2.69 -2.89 -1.88
C LEU B 60 3.85 -1.93 -2.06
N ALA B 61 4.08 -1.13 -1.03
CA ALA B 61 5.10 -0.09 -1.05
C ALA B 61 5.71 0.09 0.34
N ASP B 62 5.85 -0.99 1.07
CA ASP B 62 6.42 -0.88 2.40
C ASP B 62 7.87 -1.38 2.44
N ILE B 63 8.45 -1.39 3.64
CA ILE B 63 9.81 -1.90 3.81
C ILE B 63 9.79 -3.40 3.52
N PRO B 64 10.95 -3.96 3.15
CA PRO B 64 10.99 -5.39 2.83
C PRO B 64 10.31 -6.35 3.79
N ASN B 65 10.62 -6.24 5.08
CA ASN B 65 10.01 -7.19 6.01
C ASN B 65 8.49 -7.07 6.10
N THR B 66 7.96 -5.85 6.05
CA THR B 66 6.52 -5.67 6.12
C THR B 66 5.86 -6.16 4.83
N ASN B 67 6.50 -5.90 3.68
CA ASN B 67 5.98 -6.41 2.41
C ASN B 67 5.92 -7.93 2.50
N ARG B 68 6.97 -8.52 3.07
CA ARG B 68 7.02 -9.98 3.23
C ARG B 68 5.88 -10.50 4.10
N LEU B 69 5.64 -9.86 5.24
CA LEU B 69 4.56 -10.29 6.12
C LEU B 69 3.19 -10.18 5.45
N ILE B 70 2.98 -9.09 4.70
CA ILE B 70 1.72 -8.92 4.02
C ILE B 70 1.56 -10.01 2.94
N ALA B 71 2.63 -10.23 2.18
CA ALA B 71 2.62 -11.24 1.10
C ALA B 71 2.34 -12.65 1.67
N ARG B 72 3.00 -12.97 2.77
CA ARG B 72 2.82 -14.27 3.39
C ARG B 72 1.35 -14.50 3.72
N LYS B 73 0.70 -13.52 4.32
CA LYS B 73 -0.72 -13.64 4.67
C LYS B 73 -1.65 -13.73 3.44
N VAL B 74 -1.40 -12.87 2.45
CA VAL B 74 -2.23 -12.82 1.25
C VAL B 74 -2.02 -14.01 0.31
N PHE B 75 -0.78 -14.41 0.05
CA PHE B 75 -0.56 -15.61 -0.78
C PHE B 75 -1.11 -16.78 0.03
N GLY B 76 -0.94 -16.70 1.34
CA GLY B 76 -1.43 -17.73 2.25
C GLY B 76 -2.93 -17.94 2.18
N ALA B 77 -3.67 -16.86 1.94
CA ALA B 77 -5.13 -16.92 1.84
C ALA B 77 -5.60 -17.41 0.48
N GLY B 78 -4.68 -17.51 -0.48
CA GLY B 78 -5.07 -18.01 -1.78
C GLY B 78 -4.72 -17.15 -2.98
N ALA B 79 -4.12 -15.98 -2.78
CA ALA B 79 -3.74 -15.15 -3.92
C ALA B 79 -2.69 -15.87 -4.75
N ASP B 80 -2.78 -15.70 -6.06
CA ASP B 80 -1.81 -16.27 -6.97
C ASP B 80 -0.78 -15.23 -7.40
N TYR B 81 -1.17 -13.95 -7.35
CA TYR B 81 -0.25 -12.87 -7.74
C TYR B 81 -0.48 -11.67 -6.84
N VAL B 82 0.58 -10.92 -6.56
CA VAL B 82 0.43 -9.71 -5.78
C VAL B 82 1.03 -8.58 -6.59
N ILE B 83 0.29 -7.47 -6.71
CA ILE B 83 0.79 -6.28 -7.40
C ILE B 83 1.64 -5.46 -6.42
N VAL B 84 2.86 -5.15 -6.84
CA VAL B 84 3.80 -4.42 -6.00
C VAL B 84 4.40 -3.23 -6.74
N HIS B 85 4.69 -2.17 -6.02
CA HIS B 85 5.33 -1.00 -6.64
C HIS B 85 6.80 -1.30 -6.86
N THR B 86 7.38 -0.57 -7.82
CA THR B 86 8.80 -0.66 -8.15
C THR B 86 9.57 0.44 -7.39
N PHE B 87 8.89 1.57 -7.15
CA PHE B 87 9.49 2.79 -6.56
C PHE B 87 10.24 2.61 -5.24
N VAL B 88 9.77 1.71 -4.39
CA VAL B 88 10.34 1.52 -3.07
C VAL B 88 11.66 0.74 -3.07
N GLY B 89 12.00 0.12 -4.19
CA GLY B 89 13.26 -0.58 -4.23
C GLY B 89 13.15 -2.05 -4.57
N ARG B 90 14.25 -2.61 -5.08
CA ARG B 90 14.31 -4.01 -5.46
C ARG B 90 14.17 -4.97 -4.25
N ASP B 91 14.67 -4.57 -3.09
CA ASP B 91 14.53 -5.43 -1.92
C ASP B 91 13.07 -5.58 -1.52
N SER B 92 12.31 -4.49 -1.58
CA SER B 92 10.89 -4.56 -1.26
C SER B 92 10.14 -5.40 -2.29
N VAL B 93 10.58 -5.37 -3.56
CA VAL B 93 9.93 -6.18 -4.59
C VAL B 93 10.29 -7.66 -4.35
N MET B 94 11.59 -7.92 -4.14
CA MET B 94 12.00 -9.31 -3.97
C MET B 94 11.46 -9.96 -2.71
N ALA B 95 11.15 -9.16 -1.69
CA ALA B 95 10.58 -9.73 -0.47
C ALA B 95 9.22 -10.37 -0.74
N VAL B 96 8.51 -9.85 -1.74
CA VAL B 96 7.22 -10.39 -2.13
C VAL B 96 7.43 -11.55 -3.11
N LYS B 97 8.28 -11.37 -4.12
CA LYS B 97 8.52 -12.41 -5.12
C LYS B 97 9.02 -13.74 -4.49
N GLU B 98 9.71 -13.61 -3.38
CA GLU B 98 10.20 -14.79 -2.67
C GLU B 98 9.04 -15.72 -2.30
N LEU B 99 7.87 -15.15 -2.02
CA LEU B 99 6.70 -15.92 -1.60
C LEU B 99 5.65 -16.27 -2.65
N GLY B 100 5.71 -15.61 -3.81
CA GLY B 100 4.72 -15.88 -4.85
C GLY B 100 4.95 -14.98 -6.05
N GLU B 101 4.14 -15.18 -7.10
CA GLU B 101 4.30 -14.39 -8.31
C GLU B 101 3.84 -12.96 -8.13
N ILE B 102 4.52 -12.06 -8.83
CA ILE B 102 4.25 -10.65 -8.71
C ILE B 102 4.00 -9.96 -10.03
N ILE B 103 3.34 -8.82 -9.93
CA ILE B 103 3.06 -7.95 -11.09
C ILE B 103 3.57 -6.60 -10.61
N MET B 104 4.42 -5.95 -11.40
CA MET B 104 5.02 -4.67 -10.98
C MET B 104 4.40 -3.43 -11.59
N VAL B 105 4.34 -2.36 -10.79
CA VAL B 105 3.81 -1.09 -11.25
C VAL B 105 4.95 -0.28 -11.83
N VAL B 106 4.84 0.04 -13.12
CA VAL B 106 5.86 0.84 -13.78
C VAL B 106 5.32 2.17 -14.30
N GLU B 107 4.00 2.31 -14.33
CA GLU B 107 3.36 3.52 -14.82
C GLU B 107 1.95 3.54 -14.26
N MET B 108 1.45 4.73 -13.92
CA MET B 108 0.09 4.82 -13.40
C MET B 108 -0.84 5.69 -14.24
N SER B 109 -2.14 5.53 -14.00
CA SER B 109 -3.19 6.18 -14.78
C SER B 109 -3.74 7.54 -14.37
N HIS B 110 -3.60 7.89 -13.09
CA HIS B 110 -4.15 9.14 -12.58
C HIS B 110 -3.30 10.38 -12.84
N PRO B 111 -3.88 11.57 -12.72
CA PRO B 111 -3.11 12.81 -12.96
C PRO B 111 -1.83 12.89 -12.12
N GLY B 112 -1.91 12.47 -10.86
CA GLY B 112 -0.73 12.54 -10.01
C GLY B 112 0.44 11.70 -10.49
N ALA B 113 0.15 10.71 -11.34
CA ALA B 113 1.21 9.83 -11.84
C ALA B 113 2.26 10.61 -12.64
N LEU B 114 1.87 11.73 -13.23
CA LEU B 114 2.81 12.53 -14.02
C LEU B 114 3.86 13.26 -13.18
N GLU B 115 3.65 13.33 -11.87
CA GLU B 115 4.57 14.04 -11.02
C GLU B 115 5.90 13.33 -10.72
N PHE B 116 5.84 12.05 -10.37
CA PHE B 116 7.06 11.30 -10.04
C PHE B 116 7.15 9.92 -10.67
N ILE B 117 6.05 9.19 -10.70
CA ILE B 117 6.04 7.84 -11.22
C ILE B 117 6.29 7.75 -12.73
N ASN B 118 5.42 8.36 -13.52
CA ASN B 118 5.57 8.26 -14.96
C ASN B 118 6.88 8.80 -15.55
N PRO B 119 7.47 9.85 -14.95
CA PRO B 119 8.74 10.33 -15.51
C PRO B 119 9.81 9.25 -15.34
N LEU B 120 9.60 8.34 -14.39
CA LEU B 120 10.56 7.27 -14.13
C LEU B 120 10.21 5.93 -14.79
N THR B 121 9.12 5.88 -15.55
CA THR B 121 8.71 4.63 -16.16
C THR B 121 9.81 3.91 -16.95
N ASP B 122 10.59 4.64 -17.73
CA ASP B 122 11.65 3.95 -18.46
C ASP B 122 12.57 3.20 -17.50
N ARG B 123 12.87 3.83 -16.37
CA ARG B 123 13.76 3.20 -15.40
C ARG B 123 13.07 2.04 -14.69
N PHE B 124 11.78 2.20 -14.42
CA PHE B 124 11.05 1.12 -13.76
C PHE B 124 10.94 -0.09 -14.69
N ILE B 125 10.82 0.15 -15.99
CA ILE B 125 10.77 -0.98 -16.92
C ILE B 125 12.13 -1.73 -16.87
N GLU B 126 13.24 -1.00 -16.79
CA GLU B 126 14.54 -1.64 -16.68
C GLU B 126 14.58 -2.50 -15.42
N VAL B 127 14.03 -2.00 -14.31
CA VAL B 127 14.03 -2.82 -13.09
C VAL B 127 13.18 -4.08 -13.31
N ALA B 128 12.00 -3.92 -13.93
CA ALA B 128 11.18 -5.09 -14.22
C ALA B 128 11.93 -6.07 -15.14
N ASN B 129 12.71 -5.56 -16.09
CA ASN B 129 13.46 -6.46 -16.96
C ASN B 129 14.48 -7.28 -16.17
N GLU B 130 15.03 -6.69 -15.11
CA GLU B 130 16.02 -7.38 -14.29
C GLU B 130 15.35 -8.43 -13.42
N ILE B 131 14.24 -8.03 -12.79
CA ILE B 131 13.53 -8.92 -11.88
C ILE B 131 12.70 -10.01 -12.55
N GLU B 132 12.20 -9.72 -13.74
CA GLU B 132 11.36 -10.65 -14.50
C GLU B 132 10.11 -11.12 -13.72
N PRO B 133 9.23 -10.18 -13.36
CA PRO B 133 8.00 -10.51 -12.64
C PRO B 133 7.07 -11.21 -13.65
N PHE B 134 5.94 -11.72 -13.17
CA PHE B 134 4.97 -12.32 -14.09
C PHE B 134 4.52 -11.27 -15.10
N GLY B 135 4.29 -10.06 -14.63
CA GLY B 135 3.86 -9.01 -15.53
C GLY B 135 3.96 -7.61 -14.97
N VAL B 136 3.52 -6.65 -15.77
CA VAL B 136 3.47 -5.23 -15.39
C VAL B 136 2.15 -4.70 -15.89
N ILE B 137 1.75 -3.56 -15.34
CA ILE B 137 0.50 -2.93 -15.77
C ILE B 137 0.78 -1.78 -16.75
N ALA B 138 -0.03 -1.70 -17.81
CA ALA B 138 0.13 -0.61 -18.79
C ALA B 138 -1.21 0.09 -18.84
N PRO B 139 -1.30 1.29 -18.26
CA PRO B 139 -2.56 2.05 -18.28
C PRO B 139 -3.00 1.95 -19.72
N GLY B 140 -4.06 1.17 -19.96
CA GLY B 140 -4.57 0.94 -21.30
C GLY B 140 -5.45 2.05 -21.80
N THR B 141 -5.67 3.06 -20.96
CA THR B 141 -6.49 4.21 -21.32
C THR B 141 -6.21 4.55 -22.77
N ARG B 142 -5.08 5.22 -23.01
CA ARG B 142 -4.67 5.57 -24.36
C ARG B 142 -3.72 4.47 -24.81
N PRO B 143 -4.05 3.80 -25.92
CA PRO B 143 -3.25 2.71 -26.50
C PRO B 143 -1.75 2.90 -26.46
N GLU B 144 -1.26 3.89 -27.19
CA GLU B 144 0.17 4.15 -27.27
C GLU B 144 0.99 3.62 -26.11
N ARG B 145 0.50 3.72 -24.88
CA ARG B 145 1.26 3.25 -23.71
C ARG B 145 1.46 1.75 -23.65
N ILE B 146 0.52 0.98 -24.18
CA ILE B 146 0.68 -0.47 -24.17
C ILE B 146 1.89 -0.81 -25.06
N GLY B 147 1.91 -0.25 -26.26
CA GLY B 147 3.02 -0.50 -27.17
C GLY B 147 4.33 0.08 -26.66
N TYR B 148 4.26 1.27 -26.05
CA TYR B 148 5.45 1.94 -25.54
C TYR B 148 6.13 1.02 -24.53
N ILE B 149 5.33 0.46 -23.64
CA ILE B 149 5.87 -0.42 -22.62
C ILE B 149 6.36 -1.73 -23.23
N ARG B 150 5.55 -2.30 -24.12
CA ARG B 150 5.91 -3.55 -24.76
C ARG B 150 7.26 -3.45 -25.50
N ASP B 151 7.52 -2.31 -26.13
CA ASP B 151 8.76 -2.14 -26.89
C ASP B 151 9.99 -2.07 -25.99
N ARG B 152 9.80 -1.82 -24.69
CA ARG B 152 10.93 -1.70 -23.78
C ARG B 152 11.03 -2.86 -22.79
N LEU B 153 9.96 -3.63 -22.70
CA LEU B 153 9.85 -4.74 -21.76
C LEU B 153 10.33 -6.08 -22.29
N LYS B 154 11.13 -6.80 -21.50
CA LYS B 154 11.64 -8.10 -21.91
C LYS B 154 10.51 -9.09 -22.24
N GLU B 155 10.70 -9.86 -23.30
CA GLU B 155 9.69 -10.84 -23.68
C GLU B 155 9.61 -11.83 -22.53
N GLY B 156 8.44 -12.41 -22.34
CA GLY B 156 8.28 -13.33 -21.24
C GLY B 156 7.55 -12.62 -20.11
N ILE B 157 7.67 -11.29 -20.05
CA ILE B 157 6.93 -10.56 -19.02
C ILE B 157 5.64 -10.09 -19.65
N LYS B 158 4.51 -10.44 -19.01
CA LYS B 158 3.19 -10.10 -19.53
C LYS B 158 2.78 -8.65 -19.23
N ILE B 159 1.81 -8.18 -20.00
CA ILE B 159 1.26 -6.86 -19.80
C ILE B 159 -0.24 -6.99 -19.51
N LEU B 160 -0.68 -6.35 -18.44
CA LEU B 160 -2.11 -6.35 -18.08
C LEU B 160 -2.55 -4.91 -18.31
N ALA B 161 -3.64 -4.72 -19.05
CA ALA B 161 -4.08 -3.36 -19.39
C ALA B 161 -5.49 -2.95 -18.96
N PRO B 162 -5.58 -2.03 -18.00
CA PRO B 162 -6.87 -1.54 -17.51
C PRO B 162 -7.24 -0.30 -18.35
N GLY B 163 -8.45 0.21 -18.13
CA GLY B 163 -8.86 1.45 -18.79
C GLY B 163 -9.11 1.47 -20.29
N ILE B 164 -9.46 0.32 -20.84
CA ILE B 164 -9.72 0.20 -22.27
C ILE B 164 -11.03 0.92 -22.59
N GLY B 165 -11.06 1.62 -23.72
CA GLY B 165 -12.25 2.34 -24.14
C GLY B 165 -13.38 1.41 -24.49
N ALA B 166 -14.62 1.91 -24.43
CA ALA B 166 -15.79 1.11 -24.71
C ALA B 166 -16.10 0.94 -26.20
N GLN B 167 -15.47 1.75 -27.04
CA GLN B 167 -15.75 1.65 -28.47
C GLN B 167 -15.42 0.27 -29.03
N GLY B 168 -16.21 -0.19 -29.99
CA GLY B 168 -15.98 -1.48 -30.58
C GLY B 168 -14.60 -1.48 -31.21
N GLY B 169 -13.87 -2.57 -30.95
CA GLY B 169 -12.53 -2.71 -31.49
C GLY B 169 -11.43 -2.37 -30.49
N LYS B 170 -11.74 -1.54 -29.51
CA LYS B 170 -10.74 -1.14 -28.51
C LYS B 170 -10.08 -2.29 -27.76
N ALA B 171 -10.87 -3.29 -27.34
CA ALA B 171 -10.31 -4.41 -26.58
C ALA B 171 -9.39 -5.25 -27.45
N LYS B 172 -9.85 -5.60 -28.65
CA LYS B 172 -9.01 -6.37 -29.56
C LYS B 172 -7.75 -5.56 -29.92
N ASP B 173 -7.88 -4.26 -30.11
CA ASP B 173 -6.74 -3.44 -30.45
C ASP B 173 -5.72 -3.40 -29.30
N ALA B 174 -6.20 -3.39 -28.06
CA ALA B 174 -5.27 -3.38 -26.93
C ALA B 174 -4.45 -4.65 -26.91
N VAL B 175 -5.09 -5.78 -27.18
CA VAL B 175 -4.40 -7.06 -27.20
C VAL B 175 -3.41 -7.06 -28.36
N LYS B 176 -3.81 -6.56 -29.51
CA LYS B 176 -2.91 -6.53 -30.67
C LYS B 176 -1.70 -5.64 -30.45
N ALA B 177 -1.85 -4.63 -29.58
CA ALA B 177 -0.77 -3.69 -29.28
C ALA B 177 0.22 -4.25 -28.26
N GLY B 178 -0.17 -5.27 -27.52
CA GLY B 178 0.74 -5.83 -26.53
C GLY B 178 0.12 -6.28 -25.22
N ALA B 179 -1.19 -6.11 -25.07
CA ALA B 179 -1.82 -6.52 -23.84
C ALA B 179 -2.09 -8.03 -23.80
N ASP B 180 -1.52 -8.73 -22.82
CA ASP B 180 -1.83 -10.15 -22.66
C ASP B 180 -3.18 -10.34 -21.97
N TYR B 181 -3.54 -9.38 -21.10
CA TYR B 181 -4.79 -9.37 -20.36
C TYR B 181 -5.38 -7.98 -20.38
N ILE B 182 -6.70 -7.93 -20.39
CA ILE B 182 -7.44 -6.69 -20.34
C ILE B 182 -8.10 -6.72 -18.95
N ILE B 183 -7.92 -5.66 -18.16
CA ILE B 183 -8.55 -5.58 -16.84
C ILE B 183 -9.86 -4.81 -17.02
N VAL B 184 -10.95 -5.49 -16.67
CA VAL B 184 -12.30 -4.93 -16.79
C VAL B 184 -13.00 -4.90 -15.44
N GLY B 185 -13.71 -3.82 -15.15
CA GLY B 185 -14.43 -3.72 -13.89
C GLY B 185 -15.94 -3.60 -14.04
N ARG B 186 -16.45 -2.40 -13.77
CA ARG B 186 -17.89 -2.10 -13.84
C ARG B 186 -18.60 -2.60 -15.09
N ALA B 187 -17.91 -2.58 -16.22
CA ALA B 187 -18.53 -3.01 -17.47
C ALA B 187 -19.08 -4.42 -17.33
N ILE B 188 -18.45 -5.20 -16.45
CA ILE B 188 -18.93 -6.55 -16.21
C ILE B 188 -19.70 -6.68 -14.89
N TYR B 189 -19.10 -6.31 -13.76
CA TYR B 189 -19.81 -6.55 -12.51
C TYR B 189 -21.09 -5.79 -12.25
N ASN B 190 -21.25 -4.64 -12.90
CA ASN B 190 -22.48 -3.84 -12.73
C ASN B 190 -23.39 -3.95 -13.95
N ALA B 191 -23.08 -4.89 -14.86
CA ALA B 191 -23.91 -5.07 -16.05
C ALA B 191 -25.23 -5.76 -15.67
N PRO B 192 -26.27 -5.57 -16.49
CA PRO B 192 -27.55 -6.21 -16.20
C PRO B 192 -27.34 -7.73 -16.14
N ASN B 193 -26.47 -8.20 -17.03
CA ASN B 193 -26.11 -9.62 -17.11
C ASN B 193 -24.59 -9.69 -17.19
N PRO B 194 -23.92 -9.84 -16.04
CA PRO B 194 -22.46 -9.92 -16.04
C PRO B 194 -21.85 -10.97 -16.97
N ARG B 195 -22.43 -12.17 -17.02
CA ARG B 195 -21.88 -13.23 -17.88
C ARG B 195 -21.92 -12.82 -19.34
N GLU B 196 -23.05 -12.26 -19.78
CA GLU B 196 -23.16 -11.85 -21.17
C GLU B 196 -22.23 -10.67 -21.48
N ALA B 197 -21.99 -9.80 -20.50
CA ALA B 197 -21.09 -8.67 -20.70
C ALA B 197 -19.67 -9.18 -20.86
N ALA B 198 -19.27 -10.13 -20.03
CA ALA B 198 -17.94 -10.68 -20.14
C ALA B 198 -17.79 -11.42 -21.48
N LYS B 199 -18.81 -12.19 -21.83
CA LYS B 199 -18.78 -12.92 -23.10
C LYS B 199 -18.60 -11.97 -24.29
N ALA B 200 -19.28 -10.83 -24.28
CA ALA B 200 -19.18 -9.89 -25.39
C ALA B 200 -17.74 -9.40 -25.57
N ILE B 201 -17.08 -9.08 -24.46
CA ILE B 201 -15.69 -8.61 -24.53
C ILE B 201 -14.78 -9.74 -24.99
N TYR B 202 -14.95 -10.91 -24.39
CA TYR B 202 -14.19 -12.09 -24.74
C TYR B 202 -14.33 -12.38 -26.25
N ASP B 203 -15.57 -12.32 -26.75
CA ASP B 203 -15.81 -12.56 -28.18
C ASP B 203 -15.10 -11.55 -29.08
N GLU B 204 -15.03 -10.29 -28.66
CA GLU B 204 -14.34 -9.32 -29.50
C GLU B 204 -12.85 -9.66 -29.56
N ILE B 205 -12.27 -9.99 -28.42
CA ILE B 205 -10.85 -10.32 -28.33
C ILE B 205 -10.52 -11.55 -29.17
N ARG B 206 -11.38 -12.56 -29.12
CA ARG B 206 -11.12 -13.77 -29.87
C ARG B 206 -11.73 -13.75 -31.27
N GLY B 207 -12.26 -12.61 -31.68
CA GLY B 207 -12.86 -12.50 -33.00
C GLY B 207 -11.94 -11.89 -34.04
#